data_2JI2
#
_entry.id   2JI2
#
_cell.length_a   70.470
_cell.length_b   82.870
_cell.length_c   201.950
_cell.angle_alpha   90.00
_cell.angle_beta   90.00
_cell.angle_gamma   90.00
#
_symmetry.space_group_name_H-M   'I 2 2 2'
#
loop_
_entity.id
_entity.type
_entity.pdbx_description
1 polymer Desulfoferrodoxin
2 non-polymer 'FE (III) ION'
3 non-polymer 'NITRATE ION'
4 non-polymer 'FE (II) ION'
5 non-polymer 'CALCIUM ION'
6 water water
#
_entity_poly.entity_id   1
_entity_poly.type   'polypeptide(L)'
_entity_poly.pdbx_seq_one_letter_code
;MPERLQVYKCEVCGNIVEVLNGGIGELVCCNQDMKLMSENTVDAAKEKHVPVIEKIDGGYKVKVGAVAHPMEEKHYIQWI
ELLADDKCYTQFLKPGQAPEAVFLIEAAKVVARAYCNIHGHWKAEN
;
_entity_poly.pdbx_strand_id   A,B,C,D
#
loop_
_chem_comp.id
_chem_comp.type
_chem_comp.name
_chem_comp.formula
CA non-polymer 'CALCIUM ION' 'Ca 2'
FE non-polymer 'FE (III) ION' 'Fe 3'
FE2 non-polymer 'FE (II) ION' 'Fe 2'
NO3 non-polymer 'NITRATE ION' 'N O3 -1'
#
# COMPACT_ATOMS: atom_id res chain seq x y z
N MET A 1 10.92 -26.85 -15.56
CA MET A 1 9.44 -26.72 -15.62
C MET A 1 9.02 -25.24 -15.54
N PRO A 2 8.39 -24.73 -16.60
CA PRO A 2 7.93 -23.34 -16.69
C PRO A 2 6.93 -22.89 -15.63
N GLU A 3 7.05 -21.63 -15.23
CA GLU A 3 6.17 -21.03 -14.24
C GLU A 3 5.70 -19.68 -14.76
N ARG A 4 4.47 -19.31 -14.41
CA ARG A 4 3.91 -18.03 -14.85
C ARG A 4 4.86 -16.88 -14.57
N LEU A 5 4.99 -15.99 -15.56
CA LEU A 5 5.82 -14.80 -15.52
C LEU A 5 7.28 -15.00 -15.94
N GLN A 6 7.72 -16.25 -16.05
CA GLN A 6 9.08 -16.47 -16.50
C GLN A 6 9.23 -16.07 -17.96
N VAL A 7 10.39 -15.57 -18.33
CA VAL A 7 10.67 -15.16 -19.70
C VAL A 7 11.75 -16.08 -20.25
N TYR A 8 11.47 -16.68 -21.40
CA TYR A 8 12.41 -17.60 -22.06
C TYR A 8 12.81 -17.10 -23.44
N LYS A 9 14.07 -17.31 -23.79
CA LYS A 9 14.58 -16.88 -25.09
C LYS A 9 15.27 -18.00 -25.86
N CYS A 10 15.06 -18.03 -27.17
CA CYS A 10 15.74 -19.01 -28.02
C CYS A 10 16.99 -18.27 -28.47
N GLU A 11 18.16 -18.76 -28.08
CA GLU A 11 19.40 -18.10 -28.45
C GLU A 11 19.78 -18.27 -29.91
N VAL A 12 19.02 -19.10 -30.63
CA VAL A 12 19.30 -19.32 -32.04
C VAL A 12 18.53 -18.31 -32.90
N CYS A 13 17.20 -18.35 -32.83
CA CYS A 13 16.37 -17.47 -33.65
C CYS A 13 15.88 -16.19 -32.98
N GLY A 14 16.07 -16.09 -31.66
CA GLY A 14 15.68 -14.88 -30.97
C GLY A 14 14.25 -14.82 -30.46
N ASN A 15 13.48 -15.89 -30.62
CA ASN A 15 12.11 -15.89 -30.09
C ASN A 15 12.23 -15.66 -28.60
N ILE A 16 11.33 -14.85 -28.05
CA ILE A 16 11.31 -14.61 -26.61
C ILE A 16 9.85 -14.70 -26.21
N VAL A 17 9.55 -15.51 -25.20
CA VAL A 17 8.18 -15.66 -24.76
C VAL A 17 8.06 -15.53 -23.25
N GLU A 18 6.86 -15.22 -22.78
N GLU A 18 6.86 -15.21 -22.80
CA GLU A 18 6.61 -15.10 -21.34
CA GLU A 18 6.56 -15.08 -21.38
C GLU A 18 5.57 -16.17 -21.02
C GLU A 18 5.56 -16.18 -21.03
N VAL A 19 5.74 -16.84 -19.89
CA VAL A 19 4.83 -17.90 -19.50
C VAL A 19 3.52 -17.39 -18.91
N LEU A 20 2.41 -17.84 -19.48
CA LEU A 20 1.08 -17.45 -18.99
C LEU A 20 0.51 -18.56 -18.11
N ASN A 21 0.81 -19.80 -18.47
CA ASN A 21 0.36 -20.96 -17.71
C ASN A 21 1.54 -21.92 -17.69
N GLY A 22 1.92 -22.37 -16.50
CA GLY A 22 3.04 -23.28 -16.37
C GLY A 22 2.68 -24.71 -16.66
N GLY A 23 3.66 -25.59 -16.55
CA GLY A 23 3.45 -27.00 -16.82
C GLY A 23 4.75 -27.76 -16.65
N ILE A 24 4.72 -29.06 -16.92
CA ILE A 24 5.90 -29.91 -16.76
C ILE A 24 6.90 -29.88 -17.92
N GLY A 25 6.40 -29.80 -19.14
CA GLY A 25 7.26 -29.81 -20.32
C GLY A 25 8.23 -28.65 -20.43
N GLU A 26 9.42 -28.92 -20.96
CA GLU A 26 10.41 -27.86 -21.11
C GLU A 26 10.23 -27.18 -22.46
N LEU A 27 10.34 -25.85 -22.48
CA LEU A 27 10.20 -25.09 -23.70
C LEU A 27 11.42 -25.27 -24.58
N VAL A 28 11.18 -25.62 -25.84
CA VAL A 28 12.25 -25.86 -26.80
C VAL A 28 12.04 -25.06 -28.08
N CYS A 29 13.13 -24.63 -28.70
CA CYS A 29 13.06 -23.90 -29.96
C CYS A 29 14.39 -24.10 -30.68
N CYS A 30 14.33 -24.25 -31.99
CA CYS A 30 15.52 -24.46 -32.80
C CYS A 30 16.40 -25.59 -32.27
N ASN A 31 15.75 -26.70 -31.92
CA ASN A 31 16.42 -27.91 -31.43
C ASN A 31 17.17 -27.80 -30.11
N GLN A 32 16.88 -26.78 -29.31
CA GLN A 32 17.54 -26.65 -28.02
C GLN A 32 16.65 -25.99 -26.99
N ASP A 33 16.91 -26.29 -25.73
CA ASP A 33 16.12 -25.74 -24.62
C ASP A 33 16.16 -24.21 -24.66
N MET A 34 15.00 -23.58 -24.51
CA MET A 34 14.98 -22.13 -24.49
C MET A 34 15.64 -21.72 -23.17
N LYS A 35 16.35 -20.60 -23.19
CA LYS A 35 17.05 -20.12 -22.00
C LYS A 35 16.15 -19.30 -21.08
N LEU A 36 16.17 -19.63 -19.79
CA LEU A 36 15.40 -18.87 -18.81
C LEU A 36 16.15 -17.57 -18.57
N MET A 37 15.49 -16.45 -18.83
CA MET A 37 16.12 -15.14 -18.65
C MET A 37 15.91 -14.65 -17.23
N SER A 38 16.79 -15.09 -16.34
CA SER A 38 16.72 -14.72 -14.94
C SER A 38 17.13 -13.26 -14.74
N GLU A 39 16.37 -12.55 -13.93
CA GLU A 39 16.62 -11.13 -13.69
C GLU A 39 17.89 -10.80 -12.92
N ASN A 40 18.54 -9.72 -13.33
CA ASN A 40 19.75 -9.20 -12.71
C ASN A 40 20.89 -10.20 -12.59
N THR A 41 21.10 -11.00 -13.63
CA THR A 41 22.16 -11.99 -13.63
C THR A 41 23.30 -11.64 -14.58
N VAL A 42 23.01 -10.82 -15.57
CA VAL A 42 24.02 -10.43 -16.56
C VAL A 42 24.98 -9.37 -16.01
N ASP A 43 26.26 -9.49 -16.39
CA ASP A 43 27.27 -8.55 -15.95
C ASP A 43 27.20 -7.31 -16.84
N ALA A 44 26.34 -6.38 -16.46
CA ALA A 44 26.16 -5.14 -17.22
C ALA A 44 26.02 -3.99 -16.23
N ALA A 45 26.08 -2.76 -16.74
CA ALA A 45 25.97 -1.58 -15.90
C ALA A 45 24.63 -1.51 -15.19
N LYS A 46 24.65 -1.69 -13.88
CA LYS A 46 23.43 -1.65 -13.08
C LYS A 46 22.71 -0.32 -13.13
N GLU A 47 23.47 0.77 -13.21
CA GLU A 47 22.86 2.10 -13.24
C GLU A 47 22.06 2.34 -14.53
N LYS A 48 22.32 1.54 -15.56
CA LYS A 48 21.61 1.70 -16.82
C LYS A 48 20.56 0.61 -17.09
N HIS A 49 20.52 -0.42 -16.25
CA HIS A 49 19.55 -1.50 -16.47
C HIS A 49 18.52 -1.77 -15.37
N VAL A 50 18.88 -1.54 -14.12
CA VAL A 50 17.94 -1.77 -13.03
C VAL A 50 16.87 -0.68 -13.11
N PRO A 51 15.61 -1.09 -13.24
CA PRO A 51 14.53 -0.10 -13.33
C PRO A 51 14.44 0.75 -12.06
N VAL A 52 14.08 2.00 -12.23
CA VAL A 52 13.90 2.91 -11.10
C VAL A 52 12.41 3.23 -11.09
N ILE A 53 11.77 2.93 -9.97
CA ILE A 53 10.33 3.13 -9.81
C ILE A 53 9.99 4.42 -9.08
N GLU A 54 9.16 5.26 -9.70
CA GLU A 54 8.75 6.53 -9.11
C GLU A 54 7.24 6.56 -8.96
N LYS A 55 6.77 6.84 -7.75
CA LYS A 55 5.34 6.90 -7.48
C LYS A 55 4.80 8.21 -8.04
N ILE A 56 3.70 8.13 -8.78
CA ILE A 56 3.09 9.32 -9.35
C ILE A 56 1.59 9.30 -9.07
N ASP A 57 0.92 10.39 -9.39
CA ASP A 57 -0.51 10.50 -9.17
C ASP A 57 -1.27 9.46 -10.00
N GLY A 58 -1.81 8.45 -9.33
CA GLY A 58 -2.57 7.44 -10.02
C GLY A 58 -1.78 6.23 -10.52
N GLY A 59 -0.48 6.20 -10.24
CA GLY A 59 0.30 5.07 -10.70
C GLY A 59 1.78 5.14 -10.44
N TYR A 60 2.56 4.71 -11.43
CA TYR A 60 4.02 4.69 -11.32
C TYR A 60 4.70 5.01 -12.64
N LYS A 61 5.87 5.62 -12.53
CA LYS A 61 6.67 5.92 -13.71
C LYS A 61 7.90 5.06 -13.52
N VAL A 62 8.27 4.31 -14.55
CA VAL A 62 9.45 3.46 -14.47
C VAL A 62 10.43 3.93 -15.52
N LYS A 63 11.68 4.12 -15.11
CA LYS A 63 12.72 4.54 -16.04
C LYS A 63 13.86 3.55 -15.95
N VAL A 64 14.52 3.31 -17.08
CA VAL A 64 15.62 2.35 -17.13
C VAL A 64 16.89 3.05 -17.62
N GLY A 65 17.84 3.33 -16.73
CA GLY A 65 17.72 3.05 -15.31
C GLY A 65 17.95 4.37 -14.61
N ALA A 66 18.79 4.39 -13.57
CA ALA A 66 19.10 5.64 -12.87
C ALA A 66 19.70 6.58 -13.91
N VAL A 67 20.46 5.98 -14.82
CA VAL A 67 21.07 6.69 -15.93
C VAL A 67 20.32 6.13 -17.13
N ALA A 68 19.81 7.01 -18.00
CA ALA A 68 19.05 6.59 -19.17
C ALA A 68 19.81 5.57 -20.02
N HIS A 69 19.17 4.44 -20.28
CA HIS A 69 19.78 3.40 -21.09
C HIS A 69 19.67 3.80 -22.57
N PRO A 70 20.64 3.35 -23.38
CA PRO A 70 20.62 3.67 -24.81
C PRO A 70 19.33 3.15 -25.47
N MET A 71 18.89 3.84 -26.51
CA MET A 71 17.69 3.41 -27.24
C MET A 71 18.06 3.50 -28.73
N GLU A 72 19.09 2.75 -29.09
CA GLU A 72 19.62 2.68 -30.45
C GLU A 72 19.08 1.43 -31.15
N GLU A 73 19.20 1.38 -32.47
CA GLU A 73 18.76 0.23 -33.27
C GLU A 73 19.35 -1.09 -32.80
N LYS A 74 20.64 -1.09 -32.50
CA LYS A 74 21.33 -2.29 -32.07
C LYS A 74 21.40 -2.49 -30.56
N HIS A 75 20.88 -1.53 -29.81
CA HIS A 75 20.94 -1.62 -28.36
C HIS A 75 19.86 -0.77 -27.72
N TYR A 76 18.80 -1.41 -27.26
CA TYR A 76 17.72 -0.67 -26.63
C TYR A 76 16.91 -1.54 -25.68
N ILE A 77 16.07 -0.87 -24.90
CA ILE A 77 15.19 -1.55 -23.96
C ILE A 77 13.96 -1.91 -24.78
N GLN A 78 13.71 -3.20 -24.94
CA GLN A 78 12.58 -3.65 -25.74
C GLN A 78 11.22 -3.47 -25.11
N TRP A 79 11.17 -3.52 -23.78
CA TRP A 79 9.92 -3.33 -23.07
C TRP A 79 10.17 -3.14 -21.59
N ILE A 80 9.16 -2.58 -20.93
CA ILE A 80 9.18 -2.35 -19.49
C ILE A 80 7.86 -2.96 -19.02
N GLU A 81 7.93 -3.73 -17.95
CA GLU A 81 6.76 -4.40 -17.42
C GLU A 81 6.57 -4.06 -15.95
N LEU A 82 5.31 -3.89 -15.54
CA LEU A 82 5.01 -3.61 -14.14
C LEU A 82 4.16 -4.77 -13.63
N LEU A 83 4.57 -5.38 -12.52
CA LEU A 83 3.83 -6.50 -11.94
C LEU A 83 3.23 -6.03 -10.60
N ALA A 84 1.93 -6.23 -10.43
CA ALA A 84 1.22 -5.84 -9.18
C ALA A 84 0.05 -6.83 -8.93
N ASP A 85 0.10 -7.57 -7.81
CA ASP A 85 -0.89 -8.61 -7.45
C ASP A 85 -1.01 -9.53 -8.67
N ASP A 86 -2.19 -9.59 -9.27
CA ASP A 86 -2.39 -10.42 -10.47
C ASP A 86 -2.38 -9.66 -11.78
N LYS A 87 -1.76 -8.48 -11.77
CA LYS A 87 -1.65 -7.65 -12.97
C LYS A 87 -0.24 -7.68 -13.54
N CYS A 88 -0.17 -7.68 -14.87
N CYS A 88 -0.16 -7.70 -14.86
CA CYS A 88 1.10 -7.71 -15.60
CA CYS A 88 1.11 -7.70 -15.56
C CYS A 88 0.93 -6.75 -16.75
C CYS A 88 0.93 -6.74 -16.75
N TYR A 89 1.40 -5.52 -16.57
CA TYR A 89 1.30 -4.47 -17.58
C TYR A 89 2.61 -4.31 -18.33
N THR A 90 2.54 -4.38 -19.65
CA THR A 90 3.74 -4.27 -20.45
C THR A 90 3.67 -3.14 -21.46
N GLN A 91 4.75 -2.39 -21.54
CA GLN A 91 4.86 -1.29 -22.49
C GLN A 91 6.06 -1.62 -23.38
N PHE A 92 5.80 -1.91 -24.65
CA PHE A 92 6.87 -2.21 -25.59
C PHE A 92 7.45 -0.88 -26.07
N LEU A 93 8.76 -0.85 -26.31
CA LEU A 93 9.42 0.37 -26.75
C LEU A 93 10.12 0.20 -28.08
N LYS A 94 10.61 1.31 -28.63
CA LYS A 94 11.33 1.31 -29.90
C LYS A 94 12.54 2.22 -29.84
N PRO A 95 13.56 1.93 -30.67
CA PRO A 95 14.74 2.79 -30.68
C PRO A 95 14.25 4.21 -30.97
N GLY A 96 14.83 5.20 -30.30
CA GLY A 96 14.41 6.57 -30.53
C GLY A 96 13.51 7.08 -29.43
N GLN A 97 12.83 6.16 -28.73
CA GLN A 97 11.95 6.55 -27.64
C GLN A 97 12.75 6.66 -26.35
N ALA A 98 12.14 7.23 -25.32
CA ALA A 98 12.81 7.36 -24.04
C ALA A 98 12.66 6.02 -23.33
N PRO A 99 13.69 5.59 -22.57
CA PRO A 99 13.61 4.32 -21.87
C PRO A 99 12.78 4.48 -20.59
N GLU A 100 11.48 4.68 -20.76
CA GLU A 100 10.59 4.88 -19.62
C GLU A 100 9.17 4.50 -19.98
N ALA A 101 8.35 4.29 -18.96
CA ALA A 101 6.96 3.93 -19.17
C ALA A 101 6.13 4.40 -17.99
N VAL A 102 4.89 4.76 -18.26
CA VAL A 102 3.98 5.21 -17.22
C VAL A 102 2.81 4.24 -17.13
N PHE A 103 2.51 3.81 -15.91
CA PHE A 103 1.43 2.85 -15.68
C PHE A 103 0.43 3.41 -14.66
N LEU A 104 -0.84 3.48 -15.04
CA LEU A 104 -1.87 3.95 -14.14
C LEU A 104 -2.41 2.70 -13.46
N ILE A 105 -2.20 2.60 -12.15
CA ILE A 105 -2.61 1.42 -11.44
C ILE A 105 -2.72 1.67 -9.94
N GLU A 106 -3.62 0.92 -9.29
CA GLU A 106 -3.80 1.02 -7.85
C GLU A 106 -3.15 -0.20 -7.24
N ALA A 107 -1.93 -0.03 -6.75
CA ALA A 107 -1.19 -1.12 -6.14
C ALA A 107 -0.07 -0.54 -5.29
N ALA A 108 -0.07 -0.87 -4.00
CA ALA A 108 0.94 -0.36 -3.08
C ALA A 108 2.31 -0.98 -3.35
N LYS A 109 2.33 -2.28 -3.61
CA LYS A 109 3.57 -2.99 -3.88
C LYS A 109 3.67 -3.43 -5.33
N VAL A 110 4.74 -3.04 -6.00
CA VAL A 110 4.92 -3.41 -7.40
C VAL A 110 6.35 -3.83 -7.69
N VAL A 111 6.49 -4.58 -8.79
CA VAL A 111 7.79 -5.04 -9.27
C VAL A 111 7.89 -4.53 -10.70
N ALA A 112 9.01 -3.89 -11.04
CA ALA A 112 9.17 -3.40 -12.40
C ALA A 112 10.26 -4.22 -13.06
N ARG A 113 10.01 -4.61 -14.31
CA ARG A 113 11.00 -5.38 -15.05
C ARG A 113 11.29 -4.69 -16.37
N ALA A 114 12.49 -4.92 -16.90
CA ALA A 114 12.87 -4.33 -18.18
C ALA A 114 13.74 -5.32 -18.92
N TYR A 115 13.75 -5.23 -20.24
CA TYR A 115 14.56 -6.15 -21.03
C TYR A 115 15.38 -5.42 -22.07
N CYS A 116 16.69 -5.63 -22.03
CA CYS A 116 17.62 -5.03 -22.98
C CYS A 116 17.96 -6.14 -23.97
N ASN A 117 17.88 -5.83 -25.26
CA ASN A 117 18.15 -6.84 -26.28
C ASN A 117 19.55 -7.44 -26.13
N ILE A 118 20.48 -6.65 -25.59
CA ILE A 118 21.84 -7.14 -25.41
C ILE A 118 22.13 -7.62 -23.99
N HIS A 119 21.70 -6.85 -23.00
CA HIS A 119 22.00 -7.18 -21.62
C HIS A 119 20.98 -7.95 -20.78
N GLY A 120 19.94 -8.45 -21.41
CA GLY A 120 18.98 -9.25 -20.69
C GLY A 120 17.89 -8.62 -19.85
N HIS A 121 17.39 -9.45 -18.93
CA HIS A 121 16.28 -9.17 -18.03
C HIS A 121 16.70 -8.55 -16.69
N TRP A 122 16.00 -7.49 -16.29
CA TRP A 122 16.29 -6.80 -15.04
C TRP A 122 15.03 -6.47 -14.26
N LYS A 123 15.14 -6.35 -12.94
CA LYS A 123 13.98 -6.02 -12.13
C LYS A 123 14.32 -5.25 -10.88
N ALA A 124 13.30 -4.59 -10.34
CA ALA A 124 13.42 -3.83 -9.11
C ALA A 124 12.03 -3.79 -8.49
N GLU A 125 11.95 -3.49 -7.20
CA GLU A 125 10.65 -3.41 -6.55
C GLU A 125 10.65 -2.29 -5.54
N ASN A 126 9.45 -1.83 -5.19
CA ASN A 126 9.30 -0.75 -4.22
C ASN A 126 8.90 -1.33 -2.87
N PRO B 2 6.88 -17.23 -35.13
CA PRO B 2 5.92 -16.56 -34.23
C PRO B 2 6.01 -15.04 -34.26
N GLU B 3 4.92 -14.38 -33.88
CA GLU B 3 4.86 -12.92 -33.87
C GLU B 3 4.44 -12.41 -32.50
N ARG B 4 4.92 -11.23 -32.15
CA ARG B 4 4.59 -10.61 -30.86
C ARG B 4 3.08 -10.63 -30.62
N LEU B 5 2.69 -11.00 -29.40
CA LEU B 5 1.30 -11.07 -28.95
C LEU B 5 0.60 -12.40 -29.20
N GLN B 6 1.18 -13.26 -30.02
CA GLN B 6 0.54 -14.56 -30.26
C GLN B 6 0.64 -15.39 -28.99
N VAL B 7 -0.36 -16.22 -28.77
CA VAL B 7 -0.40 -17.09 -27.59
C VAL B 7 -0.31 -18.53 -28.11
N TYR B 8 0.63 -19.29 -27.55
CA TYR B 8 0.83 -20.69 -27.94
C TYR B 8 0.62 -21.63 -26.76
N LYS B 9 0.05 -22.80 -27.02
CA LYS B 9 -0.20 -23.77 -25.97
C LYS B 9 0.32 -25.16 -26.30
N CYS B 10 0.86 -25.83 -25.28
CA CYS B 10 1.31 -27.21 -25.46
C CYS B 10 0.10 -28.04 -25.08
N GLU B 11 -0.46 -28.73 -26.07
CA GLU B 11 -1.64 -29.54 -25.83
C GLU B 11 -1.37 -30.79 -24.98
N VAL B 12 -0.09 -31.09 -24.77
CA VAL B 12 0.28 -32.24 -23.97
C VAL B 12 0.39 -31.93 -22.47
N CYS B 13 1.16 -30.91 -22.11
CA CYS B 13 1.35 -30.57 -20.70
C CYS B 13 0.65 -29.31 -20.22
N GLY B 14 0.09 -28.53 -21.13
CA GLY B 14 -0.63 -27.34 -20.72
C GLY B 14 0.13 -26.03 -20.64
N ASN B 15 1.43 -26.04 -20.95
CA ASN B 15 2.20 -24.81 -20.92
C ASN B 15 1.55 -23.85 -21.91
N ILE B 16 1.42 -22.58 -21.53
CA ILE B 16 0.88 -21.58 -22.44
C ILE B 16 1.80 -20.38 -22.35
N VAL B 17 2.24 -19.88 -23.49
CA VAL B 17 3.14 -18.73 -23.50
C VAL B 17 2.68 -17.66 -24.47
N GLU B 18 3.13 -16.44 -24.23
N GLU B 18 3.13 -16.43 -24.25
CA GLU B 18 2.81 -15.32 -25.10
CA GLU B 18 2.79 -15.33 -25.14
C GLU B 18 4.12 -14.84 -25.70
C GLU B 18 4.11 -14.82 -25.70
N VAL B 19 4.12 -14.51 -26.99
CA VAL B 19 5.33 -14.04 -27.65
C VAL B 19 5.64 -12.57 -27.35
N LEU B 20 6.86 -12.32 -26.88
CA LEU B 20 7.32 -10.96 -26.57
C LEU B 20 8.19 -10.46 -27.72
N ASN B 21 8.93 -11.38 -28.33
CA ASN B 21 9.80 -11.06 -29.45
C ASN B 21 9.66 -12.19 -30.47
N GLY B 22 9.29 -11.82 -31.69
CA GLY B 22 9.11 -12.80 -32.75
C GLY B 22 10.42 -13.34 -33.29
N GLY B 23 10.30 -14.39 -34.10
CA GLY B 23 11.47 -15.03 -34.70
C GLY B 23 10.96 -16.06 -35.69
N ILE B 24 11.87 -16.77 -36.35
CA ILE B 24 11.45 -17.76 -37.33
C ILE B 24 11.28 -19.18 -36.79
N GLY B 25 11.84 -19.46 -35.62
CA GLY B 25 11.75 -20.80 -35.05
C GLY B 25 10.38 -21.20 -34.55
N GLU B 26 10.07 -22.49 -34.67
CA GLU B 26 8.80 -23.01 -34.20
C GLU B 26 8.90 -23.41 -32.73
N LEU B 27 8.03 -22.85 -31.90
CA LEU B 27 8.02 -23.17 -30.48
C LEU B 27 7.60 -24.62 -30.30
N VAL B 28 8.37 -25.36 -29.50
CA VAL B 28 8.11 -26.78 -29.24
C VAL B 28 8.07 -27.12 -27.75
N CYS B 29 7.22 -28.08 -27.41
CA CYS B 29 7.09 -28.54 -26.03
C CYS B 29 6.54 -29.96 -26.09
N CYS B 30 7.10 -30.85 -25.28
CA CYS B 30 6.66 -32.25 -25.27
C CYS B 30 6.76 -32.88 -26.65
N ASN B 31 7.88 -32.61 -27.33
CA ASN B 31 8.16 -33.15 -28.66
C ASN B 31 7.18 -32.83 -29.78
N GLN B 32 6.44 -31.75 -29.66
CA GLN B 32 5.53 -31.36 -30.72
C GLN B 32 5.38 -29.86 -30.74
N ASP B 33 5.10 -29.32 -31.93
CA ASP B 33 4.94 -27.87 -32.08
C ASP B 33 3.81 -27.39 -31.20
N MET B 34 4.04 -26.30 -30.47
CA MET B 34 3.02 -25.73 -29.63
C MET B 34 1.94 -25.19 -30.56
N LYS B 35 0.69 -25.28 -30.13
CA LYS B 35 -0.43 -24.82 -30.95
C LYS B 35 -0.71 -23.33 -30.81
N LEU B 36 -0.86 -22.66 -31.95
CA LEU B 36 -1.19 -21.24 -31.96
C LEU B 36 -2.65 -21.15 -31.56
N MET B 37 -2.94 -20.37 -30.53
CA MET B 37 -4.31 -20.23 -30.07
C MET B 37 -4.91 -19.00 -30.76
N SER B 38 -5.45 -19.21 -31.95
CA SER B 38 -6.06 -18.14 -32.73
C SER B 38 -7.38 -17.74 -32.10
N GLU B 39 -7.61 -16.43 -32.02
CA GLU B 39 -8.82 -15.90 -31.40
C GLU B 39 -10.11 -16.21 -32.15
N ASN B 40 -11.17 -16.46 -31.38
CA ASN B 40 -12.50 -16.72 -31.90
C ASN B 40 -12.62 -17.87 -32.90
N THR B 41 -11.87 -18.95 -32.67
CA THR B 41 -11.92 -20.09 -33.58
C THR B 41 -12.55 -21.34 -33.00
N VAL B 42 -12.62 -21.42 -31.67
CA VAL B 42 -13.21 -22.57 -31.01
C VAL B 42 -14.73 -22.49 -31.04
N ASP B 43 -15.37 -23.64 -31.23
CA ASP B 43 -16.82 -23.69 -31.26
C ASP B 43 -17.34 -23.56 -29.82
N ALA B 44 -17.65 -22.33 -29.42
CA ALA B 44 -18.14 -22.06 -28.07
C ALA B 44 -19.15 -20.93 -28.08
N ALA B 45 -19.92 -20.83 -27.00
CA ALA B 45 -20.93 -19.79 -26.87
C ALA B 45 -20.27 -18.41 -26.91
N LYS B 46 -20.53 -17.67 -27.97
CA LYS B 46 -19.94 -16.35 -28.11
C LYS B 46 -20.43 -15.36 -27.06
N GLU B 47 -21.68 -15.48 -26.64
CA GLU B 47 -22.21 -14.55 -25.65
C GLU B 47 -21.51 -14.71 -24.30
N LYS B 48 -20.77 -15.79 -24.13
CA LYS B 48 -20.06 -16.04 -22.88
C LYS B 48 -18.54 -15.89 -23.02
N HIS B 49 -18.04 -15.82 -24.25
CA HIS B 49 -16.59 -15.71 -24.44
C HIS B 49 -16.07 -14.46 -25.12
N VAL B 50 -16.86 -13.86 -26.01
CA VAL B 50 -16.40 -12.65 -26.70
C VAL B 50 -16.38 -11.51 -25.68
N PRO B 51 -15.21 -10.90 -25.46
CA PRO B 51 -15.14 -9.80 -24.50
C PRO B 51 -16.03 -8.63 -24.87
N VAL B 52 -16.62 -8.00 -23.86
CA VAL B 52 -17.47 -6.84 -24.07
C VAL B 52 -16.71 -5.65 -23.48
N ILE B 53 -16.40 -4.68 -24.32
CA ILE B 53 -15.64 -3.50 -23.91
C ILE B 53 -16.53 -2.32 -23.55
N GLU B 54 -16.37 -1.84 -22.31
CA GLU B 54 -17.14 -0.69 -21.84
C GLU B 54 -16.16 0.45 -21.57
N LYS B 55 -16.44 1.60 -22.16
N LYS B 55 -16.40 1.60 -22.19
CA LYS B 55 -15.61 2.78 -21.99
CA LYS B 55 -15.58 2.77 -22.01
C LYS B 55 -15.97 3.47 -20.70
C LYS B 55 -15.96 3.46 -20.70
N ILE B 56 -14.96 3.78 -19.89
CA ILE B 56 -15.18 4.46 -18.61
C ILE B 56 -14.21 5.62 -18.54
N ASP B 57 -14.40 6.52 -17.57
CA ASP B 57 -13.51 7.67 -17.46
C ASP B 57 -12.09 7.27 -17.09
N GLY B 58 -11.16 7.50 -18.02
CA GLY B 58 -9.77 7.16 -17.76
C GLY B 58 -9.38 5.77 -18.22
N GLY B 59 -10.28 5.06 -18.88
CA GLY B 59 -9.94 3.72 -19.33
C GLY B 59 -11.08 2.87 -19.86
N TYR B 60 -10.99 1.57 -19.60
CA TYR B 60 -12.00 0.63 -20.06
C TYR B 60 -12.27 -0.48 -19.05
N LYS B 61 -13.49 -0.99 -19.08
CA LYS B 61 -13.91 -2.09 -18.25
C LYS B 61 -14.20 -3.20 -19.27
N VAL B 62 -13.69 -4.40 -19.01
CA VAL B 62 -13.91 -5.51 -19.91
C VAL B 62 -14.57 -6.65 -19.17
N LYS B 63 -15.63 -7.19 -19.76
CA LYS B 63 -16.31 -8.30 -19.14
C LYS B 63 -16.43 -9.44 -20.13
N VAL B 64 -16.40 -10.67 -19.62
CA VAL B 64 -16.47 -11.85 -20.46
C VAL B 64 -17.62 -12.73 -19.99
N GLY B 65 -18.74 -12.73 -20.73
CA GLY B 65 -18.90 -11.91 -21.92
C GLY B 65 -20.21 -11.15 -21.73
N ALA B 66 -21.07 -11.13 -22.74
CA ALA B 66 -22.35 -10.44 -22.64
C ALA B 66 -23.10 -11.11 -21.49
N VAL B 67 -22.86 -12.41 -21.35
CA VAL B 67 -23.42 -13.21 -20.28
C VAL B 67 -22.17 -13.61 -19.51
N ALA B 68 -22.17 -13.40 -18.19
CA ALA B 68 -21.01 -13.71 -17.36
C ALA B 68 -20.56 -15.16 -17.52
N HIS B 69 -19.29 -15.32 -17.90
CA HIS B 69 -18.73 -16.65 -18.09
C HIS B 69 -18.49 -17.31 -16.74
N PRO B 70 -18.59 -18.65 -16.68
CA PRO B 70 -18.36 -19.36 -15.42
C PRO B 70 -16.96 -19.08 -14.87
N MET B 71 -16.80 -19.16 -13.56
CA MET B 71 -15.49 -18.97 -12.93
C MET B 71 -15.36 -20.05 -11.88
N GLU B 72 -15.41 -21.28 -12.37
CA GLU B 72 -15.32 -22.48 -11.55
C GLU B 72 -13.90 -23.03 -11.58
N GLU B 73 -13.56 -23.84 -10.58
CA GLU B 73 -12.23 -24.43 -10.48
C GLU B 73 -11.76 -25.07 -11.78
N LYS B 74 -12.64 -25.79 -12.45
CA LYS B 74 -12.26 -26.47 -13.69
C LYS B 74 -12.70 -25.80 -14.98
N HIS B 75 -13.34 -24.65 -14.89
CA HIS B 75 -13.78 -23.91 -16.08
C HIS B 75 -13.87 -22.43 -15.74
N TYR B 76 -12.88 -21.67 -16.16
CA TYR B 76 -12.87 -20.23 -15.87
C TYR B 76 -12.04 -19.44 -16.85
N ILE B 77 -12.19 -18.12 -16.80
CA ILE B 77 -11.43 -17.23 -17.64
C ILE B 77 -10.12 -17.02 -16.88
N GLN B 78 -9.00 -17.45 -17.48
CA GLN B 78 -7.70 -17.33 -16.82
C GLN B 78 -7.11 -15.92 -16.80
N TRP B 79 -7.44 -15.13 -17.80
CA TRP B 79 -6.95 -13.76 -17.85
C TRP B 79 -7.70 -12.96 -18.89
N ILE B 80 -7.65 -11.64 -18.72
CA ILE B 80 -8.25 -10.71 -19.66
C ILE B 80 -7.10 -9.77 -19.97
N GLU B 81 -6.92 -9.45 -21.25
CA GLU B 81 -5.82 -8.61 -21.68
C GLU B 81 -6.35 -7.44 -22.50
N LEU B 82 -5.72 -6.28 -22.37
CA LEU B 82 -6.13 -5.12 -23.15
C LEU B 82 -4.92 -4.69 -23.98
N LEU B 83 -5.13 -4.60 -25.30
CA LEU B 83 -4.07 -4.20 -26.22
C LEU B 83 -4.39 -2.81 -26.75
N ALA B 84 -3.45 -1.90 -26.58
CA ALA B 84 -3.63 -0.52 -27.03
C ALA B 84 -2.28 0.08 -27.42
N ASP B 85 -2.15 0.49 -28.67
CA ASP B 85 -0.90 1.05 -29.15
C ASP B 85 0.18 0.02 -28.91
N ASP B 86 1.22 0.36 -28.16
CA ASP B 86 2.29 -0.60 -27.89
C ASP B 86 2.20 -1.14 -26.47
N LYS B 87 0.99 -1.11 -25.92
CA LYS B 87 0.75 -1.60 -24.57
C LYS B 87 -0.01 -2.91 -24.55
N CYS B 88 0.32 -3.74 -23.58
N CYS B 88 0.31 -3.73 -23.57
CA CYS B 88 -0.33 -5.02 -23.41
CA CYS B 88 -0.33 -5.03 -23.40
C CYS B 88 -0.53 -5.21 -21.91
C CYS B 88 -0.53 -5.22 -21.92
N TYR B 89 -1.74 -4.90 -21.44
CA TYR B 89 -2.06 -5.02 -20.04
C TYR B 89 -2.80 -6.32 -19.77
N THR B 90 -2.29 -7.12 -18.84
CA THR B 90 -2.93 -8.38 -18.52
C THR B 90 -3.40 -8.45 -17.07
N GLN B 91 -4.63 -8.91 -16.89
CA GLN B 91 -5.20 -9.08 -15.56
C GLN B 91 -5.50 -10.56 -15.42
N PHE B 92 -4.72 -11.25 -14.58
CA PHE B 92 -4.97 -12.66 -14.36
C PHE B 92 -6.13 -12.78 -13.39
N LEU B 93 -6.92 -13.83 -13.56
CA LEU B 93 -8.08 -14.07 -12.72
C LEU B 93 -8.01 -15.45 -12.11
N LYS B 94 -8.95 -15.73 -11.21
CA LYS B 94 -9.03 -17.04 -10.60
C LYS B 94 -10.46 -17.39 -10.31
N PRO B 95 -10.74 -18.69 -10.14
CA PRO B 95 -12.11 -19.15 -9.85
C PRO B 95 -12.72 -18.36 -8.71
N GLY B 96 -14.01 -18.06 -8.83
CA GLY B 96 -14.68 -17.33 -7.77
C GLY B 96 -14.80 -15.84 -8.03
N GLN B 97 -13.88 -15.29 -8.80
CA GLN B 97 -13.91 -13.87 -9.12
C GLN B 97 -14.86 -13.61 -10.27
N ALA B 98 -15.25 -12.35 -10.44
CA ALA B 98 -16.13 -11.98 -11.54
C ALA B 98 -15.26 -11.98 -12.79
N PRO B 99 -15.82 -12.40 -13.94
CA PRO B 99 -15.05 -12.42 -15.18
C PRO B 99 -15.00 -11.02 -15.79
N GLU B 100 -14.26 -10.14 -15.14
CA GLU B 100 -14.13 -8.77 -15.58
C GLU B 100 -12.81 -8.17 -15.12
N ALA B 101 -12.41 -7.08 -15.76
CA ALA B 101 -11.17 -6.39 -15.41
C ALA B 101 -11.30 -4.94 -15.82
N VAL B 102 -10.61 -4.08 -15.09
CA VAL B 102 -10.61 -2.64 -15.38
C VAL B 102 -9.19 -2.20 -15.68
N PHE B 103 -9.04 -1.44 -16.76
CA PHE B 103 -7.74 -0.94 -17.19
C PHE B 103 -7.78 0.57 -17.36
N LEU B 104 -6.89 1.27 -16.65
CA LEU B 104 -6.82 2.72 -16.77
C LEU B 104 -5.79 2.98 -17.86
N ILE B 105 -6.25 3.57 -18.96
CA ILE B 105 -5.36 3.82 -20.08
C ILE B 105 -5.93 4.89 -21.01
N GLU B 106 -5.05 5.60 -21.71
CA GLU B 106 -5.47 6.62 -22.66
C GLU B 106 -5.27 6.08 -24.06
N ALA B 107 -6.37 5.66 -24.68
CA ALA B 107 -6.34 5.11 -26.04
C ALA B 107 -7.76 5.04 -26.58
N ALA B 108 -7.96 5.60 -27.77
CA ALA B 108 -9.28 5.60 -28.40
C ALA B 108 -9.63 4.23 -28.95
N LYS B 109 -8.64 3.54 -29.52
CA LYS B 109 -8.87 2.22 -30.07
C LYS B 109 -8.13 1.14 -29.28
N VAL B 110 -8.87 0.13 -28.86
CA VAL B 110 -8.29 -0.95 -28.08
C VAL B 110 -8.81 -2.31 -28.51
N VAL B 111 -8.06 -3.35 -28.17
CA VAL B 111 -8.43 -4.72 -28.47
C VAL B 111 -8.44 -5.42 -27.13
N ALA B 112 -9.53 -6.11 -26.82
CA ALA B 112 -9.61 -6.84 -25.56
C ALA B 112 -9.58 -8.32 -25.87
N ARG B 113 -8.80 -9.07 -25.10
CA ARG B 113 -8.71 -10.51 -25.30
C ARG B 113 -8.98 -11.22 -23.99
N ALA B 114 -9.41 -12.46 -24.09
CA ALA B 114 -9.70 -13.27 -22.91
C ALA B 114 -9.37 -14.72 -23.25
N TYR B 115 -9.05 -15.50 -22.22
CA TYR B 115 -8.72 -16.90 -22.44
C TYR B 115 -9.44 -17.80 -21.46
N CYS B 116 -10.20 -18.75 -22.00
CA CYS B 116 -10.94 -19.72 -21.20
C CYS B 116 -10.12 -20.99 -21.21
N ASN B 117 -9.88 -21.58 -20.04
CA ASN B 117 -9.08 -22.80 -19.99
C ASN B 117 -9.68 -23.91 -20.84
N ILE B 118 -11.00 -23.89 -21.03
CA ILE B 118 -11.67 -24.90 -21.83
C ILE B 118 -11.93 -24.47 -23.27
N HIS B 119 -12.41 -23.24 -23.44
CA HIS B 119 -12.76 -22.78 -24.79
C HIS B 119 -11.79 -21.88 -25.55
N GLY B 120 -10.58 -21.74 -25.03
CA GLY B 120 -9.59 -20.96 -25.75
C GLY B 120 -9.56 -19.44 -25.72
N HIS B 121 -8.93 -18.91 -26.76
CA HIS B 121 -8.67 -17.49 -26.97
C HIS B 121 -9.78 -16.72 -27.69
N TRP B 122 -10.17 -15.58 -27.12
CA TRP B 122 -11.22 -14.75 -27.69
C TRP B 122 -10.87 -13.27 -27.66
N LYS B 123 -11.38 -12.51 -28.63
CA LYS B 123 -11.10 -11.09 -28.69
C LYS B 123 -12.25 -10.27 -29.26
N ALA B 124 -12.18 -8.98 -29.00
CA ALA B 124 -13.17 -8.02 -29.48
C ALA B 124 -12.43 -6.69 -29.49
N GLU B 125 -12.99 -5.72 -30.20
CA GLU B 125 -12.39 -4.40 -30.26
C GLU B 125 -13.45 -3.32 -30.38
N ASN B 126 -13.07 -2.08 -30.10
CA ASN B 126 -14.01 -0.98 -30.18
C ASN B 126 -13.71 -0.15 -31.43
N MET C 1 -13.61 18.71 7.83
CA MET C 1 -12.13 18.74 7.89
C MET C 1 -11.60 18.21 9.21
N PRO C 2 -10.59 17.32 9.17
CA PRO C 2 -10.01 16.76 10.39
C PRO C 2 -9.27 17.83 11.20
N GLU C 3 -9.45 17.79 12.51
CA GLU C 3 -8.81 18.74 13.42
C GLU C 3 -8.09 17.95 14.50
N ARG C 4 -6.95 18.47 14.96
CA ARG C 4 -6.18 17.80 16.01
C ARG C 4 -7.06 17.41 17.20
N LEU C 5 -6.87 16.18 17.67
CA LEU C 5 -7.58 15.60 18.82
C LEU C 5 -8.86 14.82 18.46
N GLN C 6 -9.36 14.98 17.24
CA GLN C 6 -10.57 14.25 16.85
C GLN C 6 -10.24 12.77 16.71
N VAL C 7 -11.21 11.93 17.04
CA VAL C 7 -11.05 10.49 16.93
C VAL C 7 -12.00 9.99 15.84
N TYR C 8 -11.45 9.25 14.88
CA TYR C 8 -12.25 8.69 13.79
C TYR C 8 -12.21 7.18 13.77
N LYS C 9 -13.34 6.56 13.43
CA LYS C 9 -13.42 5.11 13.37
C LYS C 9 -13.99 4.60 12.05
N CYS C 10 -13.44 3.49 11.57
CA CYS C 10 -13.96 2.87 10.36
C CYS C 10 -14.97 1.85 10.88
N GLU C 11 -16.23 2.06 10.58
CA GLU C 11 -17.27 1.16 11.06
C GLU C 11 -17.25 -0.22 10.40
N VAL C 12 -16.44 -0.36 9.35
CA VAL C 12 -16.31 -1.64 8.66
C VAL C 12 -15.27 -2.55 9.30
N CYS C 13 -14.02 -2.11 9.33
CA CYS C 13 -12.94 -2.92 9.88
C CYS C 13 -12.54 -2.62 11.33
N GLY C 14 -13.01 -1.49 11.86
CA GLY C 14 -12.66 -1.17 13.23
C GLY C 14 -11.42 -0.32 13.48
N ASN C 15 -10.78 0.15 12.41
CA ASN C 15 -9.60 1.01 12.60
C ASN C 15 -10.09 2.23 13.35
N ILE C 16 -9.30 2.71 14.32
CA ILE C 16 -9.63 3.91 15.06
C ILE C 16 -8.36 4.73 15.13
N VAL C 17 -8.45 6.00 14.73
CA VAL C 17 -7.28 6.87 14.74
C VAL C 17 -7.58 8.22 15.38
N GLU C 18 -6.53 8.88 15.85
N GLU C 18 -6.55 8.88 15.87
CA GLU C 18 -6.67 10.21 16.46
CA GLU C 18 -6.68 10.19 16.48
C GLU C 18 -5.85 11.17 15.62
C GLU C 18 -5.88 11.16 15.62
N VAL C 19 -6.41 12.35 15.37
CA VAL C 19 -5.72 13.33 14.55
C VAL C 19 -4.59 14.05 15.27
N LEU C 20 -3.40 14.03 14.68
CA LEU C 20 -2.23 14.69 15.24
C LEU C 20 -2.01 16.02 14.52
N ASN C 21 -2.33 16.04 13.23
CA ASN C 21 -2.19 17.25 12.42
C ASN C 21 -3.39 17.29 11.48
N GLY C 22 -4.13 18.40 11.50
CA GLY C 22 -5.30 18.53 10.66
C GLY C 22 -4.97 18.76 9.20
N GLY C 23 -6.01 18.81 8.38
CA GLY C 23 -5.85 19.02 6.96
C GLY C 23 -7.22 19.13 6.33
N ILE C 24 -7.28 19.41 5.03
CA ILE C 24 -8.56 19.55 4.35
C ILE C 24 -9.17 18.25 3.81
N GLY C 25 -8.35 17.21 3.68
CA GLY C 25 -8.84 15.94 3.16
C GLY C 25 -9.67 15.13 4.14
N GLU C 26 -10.65 14.40 3.60
CA GLU C 26 -11.55 13.56 4.39
C GLU C 26 -10.90 12.19 4.60
N LEU C 27 -10.90 11.71 5.83
CA LEU C 27 -10.32 10.40 6.14
C LEU C 27 -11.25 9.29 5.66
N VAL C 28 -10.67 8.34 4.94
CA VAL C 28 -11.44 7.23 4.39
C VAL C 28 -10.82 5.87 4.72
N CYS C 29 -11.67 4.87 4.84
CA CYS C 29 -11.22 3.51 5.11
C CYS C 29 -12.32 2.56 4.64
N CYS C 30 -11.90 1.44 4.05
CA CYS C 30 -12.85 0.45 3.54
C CYS C 30 -13.89 1.09 2.62
N ASN C 31 -13.44 2.02 1.78
CA ASN C 31 -14.29 2.72 0.81
C ASN C 31 -15.43 3.58 1.35
N GLN C 32 -15.30 4.08 2.59
CA GLN C 32 -16.33 4.95 3.14
C GLN C 32 -15.73 5.94 4.13
N ASP C 33 -16.41 7.07 4.34
CA ASP C 33 -15.91 8.09 5.25
C ASP C 33 -15.75 7.51 6.64
N MET C 34 -14.62 7.78 7.29
CA MET C 34 -14.44 7.31 8.65
C MET C 34 -15.37 8.16 9.49
N LYS C 35 -15.97 7.55 10.51
CA LYS C 35 -16.91 8.26 11.36
C LYS C 35 -16.24 9.05 12.47
N LEU C 36 -16.61 10.32 12.60
CA LEU C 36 -16.07 11.16 13.65
C LEU C 36 -16.76 10.69 14.92
N MET C 37 -15.98 10.29 15.92
CA MET C 37 -16.56 9.82 17.16
C MET C 37 -16.70 10.99 18.11
N SER C 38 -17.81 11.71 17.97
CA SER C 38 -18.08 12.86 18.81
C SER C 38 -18.41 12.41 20.23
N GLU C 39 -17.83 13.10 21.21
CA GLU C 39 -18.02 12.75 22.61
C GLU C 39 -19.44 12.94 23.15
N ASN C 40 -19.83 12.01 24.02
CA ASN C 40 -21.13 12.03 24.68
C ASN C 40 -22.34 12.11 23.73
N THR C 41 -22.29 11.38 22.63
CA THR C 41 -23.40 11.39 21.68
C THR C 41 -24.16 10.07 21.64
N VAL C 42 -23.47 8.98 21.99
CA VAL C 42 -24.09 7.66 21.99
C VAL C 42 -25.10 7.55 23.13
N ASP C 43 -26.26 6.99 22.82
CA ASP C 43 -27.30 6.82 23.83
C ASP C 43 -26.95 5.65 24.75
N ALA C 44 -26.10 5.92 25.73
CA ALA C 44 -25.68 4.89 26.69
C ALA C 44 -25.77 5.44 28.11
N ALA C 45 -25.58 4.56 29.09
CA ALA C 45 -25.65 4.96 30.49
C ALA C 45 -24.53 5.94 30.82
N LYS C 46 -24.90 7.19 31.05
CA LYS C 46 -23.92 8.23 31.36
C LYS C 46 -23.17 7.98 32.67
N GLU C 47 -23.82 7.34 33.65
CA GLU C 47 -23.16 7.08 34.92
C GLU C 47 -22.06 6.03 34.79
N LYS C 48 -22.02 5.35 33.65
CA LYS C 48 -21.00 4.33 33.43
C LYS C 48 -19.98 4.75 32.38
N HIS C 49 -20.23 5.84 31.67
CA HIS C 49 -19.31 6.28 30.63
C HIS C 49 -18.66 7.65 30.78
N VAL C 50 -19.39 8.63 31.32
CA VAL C 50 -18.80 9.95 31.51
C VAL C 50 -17.65 9.83 32.50
N PRO C 51 -16.45 10.28 32.12
CA PRO C 51 -15.29 10.19 33.02
C PRO C 51 -15.50 10.98 34.31
N VAL C 52 -14.98 10.47 35.42
CA VAL C 52 -15.08 11.16 36.69
C VAL C 52 -13.67 11.57 37.09
N ILE C 53 -13.45 12.87 37.21
CA ILE C 53 -12.14 13.41 37.54
C ILE C 53 -11.95 13.75 39.02
N GLU C 54 -10.87 13.26 39.60
CA GLU C 54 -10.56 13.53 41.00
C GLU C 54 -9.13 14.06 41.12
N LYS C 55 -9.01 15.29 41.59
CA LYS C 55 -7.72 15.94 41.79
C LYS C 55 -6.96 15.22 42.89
N ILE C 56 -5.75 14.74 42.59
CA ILE C 56 -4.95 14.06 43.59
C ILE C 56 -3.58 14.71 43.74
N ASP C 57 -2.76 14.10 44.59
CA ASP C 57 -1.42 14.60 44.86
C ASP C 57 -0.52 14.52 43.63
N GLY C 58 -0.24 15.67 43.03
CA GLY C 58 0.62 15.70 41.86
C GLY C 58 -0.09 15.56 40.53
N GLY C 59 -1.38 15.29 40.54
CA GLY C 59 -2.10 15.15 39.29
C GLY C 59 -3.58 14.86 39.41
N TYR C 60 -4.07 13.96 38.56
CA TYR C 60 -5.47 13.59 38.55
C TYR C 60 -5.69 12.10 38.44
N LYS C 61 -6.82 11.65 38.99
CA LYS C 61 -7.21 10.26 38.92
C LYS C 61 -8.51 10.29 38.13
N VAL C 62 -8.57 9.52 37.05
CA VAL C 62 -9.76 9.49 36.22
C VAL C 62 -10.34 8.09 36.22
N LYS C 63 -11.64 7.98 36.50
CA LYS C 63 -12.29 6.68 36.47
C LYS C 63 -13.52 6.76 35.59
N VAL C 64 -13.94 5.61 35.07
CA VAL C 64 -15.08 5.53 34.17
C VAL C 64 -16.04 4.45 34.67
N GLY C 65 -17.21 4.84 35.20
CA GLY C 65 -17.58 6.22 35.36
C GLY C 65 -17.96 6.39 36.83
N ALA C 66 -19.09 7.04 37.10
CA ALA C 66 -19.54 7.21 38.49
C ALA C 66 -19.69 5.80 39.05
N VAL C 67 -20.20 4.92 38.19
CA VAL C 67 -20.36 3.50 38.51
C VAL C 67 -19.31 2.86 37.62
N ALA C 68 -18.48 1.99 38.18
CA ALA C 68 -17.43 1.33 37.41
C ALA C 68 -17.95 0.66 36.14
N HIS C 69 -17.34 1.02 35.02
CA HIS C 69 -17.73 0.45 33.73
C HIS C 69 -17.15 -0.96 33.62
N PRO C 70 -17.87 -1.87 32.94
CA PRO C 70 -17.36 -3.24 32.79
C PRO C 70 -16.01 -3.25 32.09
N MET C 71 -15.20 -4.25 32.39
CA MET C 71 -13.89 -4.41 31.75
C MET C 71 -13.76 -5.85 31.31
N GLU C 72 -14.75 -6.27 30.52
CA GLU C 72 -14.82 -7.63 29.99
C GLU C 72 -14.06 -7.70 28.67
N GLU C 73 -13.67 -8.91 28.28
CA GLU C 73 -12.94 -9.13 27.04
C GLU C 73 -13.57 -8.45 25.84
N LYS C 74 -14.90 -8.46 25.75
CA LYS C 74 -15.60 -7.86 24.62
C LYS C 74 -16.39 -6.58 24.90
N HIS C 75 -16.23 -6.03 26.10
CA HIS C 75 -16.89 -4.78 26.46
C HIS C 75 -16.06 -4.15 27.56
N TYR C 76 -15.24 -3.17 27.17
CA TYR C 76 -14.39 -2.51 28.14
C TYR C 76 -13.96 -1.13 27.64
N ILE C 77 -13.36 -0.37 28.56
CA ILE C 77 -12.86 0.95 28.23
C ILE C 77 -11.46 0.72 27.65
N GLN C 78 -11.30 1.01 26.38
CA GLN C 78 -10.03 0.81 25.70
C GLN C 78 -8.93 1.76 26.13
N TRP C 79 -9.30 2.97 26.51
CA TRP C 79 -8.31 3.94 26.96
C TRP C 79 -8.96 5.12 27.65
N ILE C 80 -8.14 5.83 28.43
CA ILE C 80 -8.55 7.03 29.14
C ILE C 80 -7.50 8.06 28.76
N GLU C 81 -7.96 9.25 28.38
CA GLU C 81 -7.07 10.31 27.95
C GLU C 81 -7.26 11.59 28.76
N LEU C 82 -6.15 12.24 29.10
CA LEU C 82 -6.22 13.50 29.83
C LEU C 82 -5.64 14.58 28.93
N LEU C 83 -6.41 15.64 28.71
CA LEU C 83 -5.98 16.75 27.86
C LEU C 83 -5.77 17.99 28.75
N ALA C 84 -4.59 18.58 28.65
CA ALA C 84 -4.26 19.78 29.43
C ALA C 84 -3.34 20.67 28.62
N ASP C 85 -3.82 21.86 28.27
CA ASP C 85 -3.02 22.79 27.47
C ASP C 85 -2.62 22.10 26.18
N ASP C 86 -1.32 21.94 25.94
CA ASP C 86 -0.87 21.27 24.73
C ASP C 86 -0.42 19.84 25.00
N LYS C 87 -0.93 19.28 26.10
CA LYS C 87 -0.58 17.92 26.47
C LYS C 87 -1.75 16.97 26.24
N CYS C 88 -1.41 15.76 25.82
N CYS C 88 -1.42 15.76 25.78
CA CYS C 88 -2.40 14.73 25.55
CA CYS C 88 -2.42 14.74 25.53
C CYS C 88 -1.87 13.40 26.04
C CYS C 88 -1.86 13.40 26.04
N TYR C 89 -2.25 13.03 27.25
CA TYR C 89 -1.79 11.79 27.87
C TYR C 89 -2.81 10.69 27.74
N THR C 90 -2.38 9.54 27.25
CA THR C 90 -3.27 8.41 27.08
C THR C 90 -2.79 7.17 27.82
N GLN C 91 -3.74 6.54 28.50
CA GLN C 91 -3.47 5.30 29.23
C GLN C 91 -4.38 4.26 28.61
N PHE C 92 -3.78 3.29 27.92
CA PHE C 92 -4.56 2.22 27.30
C PHE C 92 -4.86 1.20 28.39
N LEU C 93 -6.01 0.57 28.31
CA LEU C 93 -6.41 -0.42 29.31
C LEU C 93 -6.64 -1.79 28.69
N LYS C 94 -6.83 -2.78 29.54
CA LYS C 94 -7.08 -4.15 29.11
C LYS C 94 -8.22 -4.72 29.95
N PRO C 95 -8.95 -5.70 29.40
CA PRO C 95 -10.04 -6.29 30.18
C PRO C 95 -9.46 -6.82 31.49
N GLY C 96 -10.27 -6.80 32.56
CA GLY C 96 -9.79 -7.28 33.83
C GLY C 96 -9.18 -6.21 34.71
N GLN C 97 -8.74 -5.11 34.11
CA GLN C 97 -8.14 -4.02 34.87
C GLN C 97 -9.26 -3.10 35.34
N ALA C 98 -8.95 -2.20 36.26
CA ALA C 98 -9.93 -1.26 36.76
C ALA C 98 -10.08 -0.16 35.70
N PRO C 99 -11.31 0.32 35.48
CA PRO C 99 -11.53 1.37 34.48
C PRO C 99 -11.11 2.74 35.03
N GLU C 100 -9.81 2.88 35.26
CA GLU C 100 -9.30 4.13 35.80
C GLU C 100 -7.83 4.33 35.44
N ALA C 101 -7.38 5.57 35.53
CA ALA C 101 -5.99 5.90 35.22
C ALA C 101 -5.55 7.10 36.05
N VAL C 102 -4.24 7.15 36.34
CA VAL C 102 -3.67 8.24 37.10
C VAL C 102 -2.68 8.99 36.22
N PHE C 103 -2.78 10.32 36.22
CA PHE C 103 -1.91 11.15 35.40
C PHE C 103 -1.19 12.19 36.26
N LEU C 104 0.14 12.16 36.27
CA LEU C 104 0.90 13.13 37.02
C LEU C 104 1.11 14.31 36.08
N ILE C 105 0.38 15.39 36.35
CA ILE C 105 0.44 16.57 35.50
C ILE C 105 0.23 17.84 36.30
N GLU C 106 0.74 18.96 35.79
CA GLU C 106 0.59 20.24 36.46
C GLU C 106 -0.34 21.12 35.62
N ALA C 107 -1.62 21.10 35.98
CA ALA C 107 -2.63 21.88 35.28
C ALA C 107 -3.91 21.91 36.11
N ALA C 108 -4.46 23.10 36.29
CA ALA C 108 -5.68 23.28 37.07
C ALA C 108 -6.91 22.99 36.22
N LYS C 109 -6.74 23.10 34.90
CA LYS C 109 -7.83 22.87 33.95
C LYS C 109 -7.51 21.69 33.04
N VAL C 110 -8.31 20.63 33.13
CA VAL C 110 -8.11 19.46 32.29
C VAL C 110 -9.41 18.91 31.72
N VAL C 111 -9.28 18.13 30.66
CA VAL C 111 -10.41 17.47 30.02
C VAL C 111 -10.06 16.00 29.98
N ALA C 112 -10.96 15.16 30.46
CA ALA C 112 -10.71 13.73 30.46
C ALA C 112 -11.63 13.05 29.45
N ARG C 113 -11.08 12.13 28.68
CA ARG C 113 -11.87 11.40 27.70
C ARG C 113 -11.66 9.91 27.91
N ALA C 114 -12.63 9.12 27.46
CA ALA C 114 -12.54 7.68 27.58
C ALA C 114 -13.26 7.10 26.38
N TYR C 115 -12.89 5.89 26.00
CA TYR C 115 -13.52 5.26 24.86
C TYR C 115 -13.92 3.83 25.18
N CYS C 116 -15.21 3.54 25.01
CA CYS C 116 -15.75 2.20 25.24
C CYS C 116 -15.84 1.55 23.85
N ASN C 117 -15.32 0.33 23.72
CA ASN C 117 -15.34 -0.34 22.43
C ASN C 117 -16.75 -0.48 21.87
N ILE C 118 -17.75 -0.50 22.76
CA ILE C 118 -19.13 -0.62 22.33
C ILE C 118 -19.87 0.71 22.33
N HIS C 119 -19.76 1.48 23.41
CA HIS C 119 -20.48 2.73 23.51
C HIS C 119 -19.82 4.05 23.09
N GLY C 120 -18.69 3.96 22.42
CA GLY C 120 -18.05 5.17 21.92
C GLY C 120 -17.23 6.08 22.81
N HIS C 121 -17.09 7.32 22.32
CA HIS C 121 -16.31 8.39 22.93
C HIS C 121 -17.03 9.24 23.97
N TRP C 122 -16.38 9.45 25.11
CA TRP C 122 -16.96 10.24 26.20
C TRP C 122 -15.96 11.22 26.82
N LYS C 123 -16.46 12.31 27.39
CA LYS C 123 -15.58 13.29 28.00
C LYS C 123 -16.21 14.07 29.13
N ALA C 124 -15.35 14.65 29.98
CA ALA C 124 -15.77 15.46 31.10
C ALA C 124 -14.63 16.44 31.36
N GLU C 125 -14.92 17.54 32.03
CA GLU C 125 -13.88 18.52 32.32
C GLU C 125 -14.09 19.05 33.73
N ASN C 126 -13.00 19.55 34.33
CA ASN C 126 -13.07 20.09 35.68
C ASN C 126 -13.09 21.62 35.60
N PRO D 2 -3.13 -1.54 9.86
CA PRO D 2 -2.47 -0.62 10.82
C PRO D 2 -2.42 -1.17 12.23
N GLU D 3 -1.44 -0.71 13.00
CA GLU D 3 -1.24 -1.15 14.37
C GLU D 3 -1.18 0.04 15.32
N ARG D 4 -1.67 -0.17 16.54
CA ARG D 4 -1.66 0.88 17.55
C ARG D 4 -0.29 1.54 17.66
N LEU D 5 -0.31 2.88 17.73
CA LEU D 5 0.88 3.72 17.86
C LEU D 5 1.50 4.13 16.53
N GLN D 6 1.12 3.49 15.44
CA GLN D 6 1.67 3.88 14.14
C GLN D 6 1.16 5.25 13.75
N VAL D 7 1.99 6.01 13.07
CA VAL D 7 1.63 7.34 12.61
C VAL D 7 1.56 7.34 11.08
N TYR D 8 0.44 7.80 10.54
CA TYR D 8 0.25 7.86 9.09
C TYR D 8 0.01 9.29 8.63
N LYS D 9 0.52 9.60 7.45
CA LYS D 9 0.37 10.94 6.89
C LYS D 9 -0.17 10.95 5.46
N CYS D 10 -1.02 11.92 5.16
CA CYS D 10 -1.53 12.09 3.81
C CYS D 10 -0.54 13.08 3.20
N GLU D 11 0.16 12.66 2.16
CA GLU D 11 1.14 13.52 1.53
C GLU D 11 0.50 14.61 0.66
N VAL D 12 -0.81 14.52 0.48
CA VAL D 12 -1.52 15.51 -0.33
C VAL D 12 -2.00 16.71 0.48
N CYS D 13 -2.73 16.48 1.56
CA CYS D 13 -3.26 17.57 2.37
C CYS D 13 -2.56 17.75 3.71
N GLY D 14 -1.71 16.79 4.07
CA GLY D 14 -0.98 16.91 5.32
C GLY D 14 -1.61 16.34 6.57
N ASN D 15 -2.76 15.67 6.44
CA ASN D 15 -3.39 15.06 7.61
C ASN D 15 -2.41 14.06 8.19
N ILE D 16 -2.28 14.06 9.51
CA ILE D 16 -1.42 13.09 10.18
C ILE D 16 -2.23 12.50 11.31
N VAL D 17 -2.30 11.17 11.38
CA VAL D 17 -3.07 10.51 12.42
C VAL D 17 -2.27 9.41 13.11
N GLU D 18 -2.67 9.06 14.32
CA GLU D 18 -2.02 8.00 15.07
C GLU D 18 -3.07 6.93 15.32
N VAL D 19 -2.67 5.68 15.14
CA VAL D 19 -3.59 4.56 15.32
C VAL D 19 -3.85 4.23 16.78
N LEU D 20 -5.13 4.19 17.14
CA LEU D 20 -5.54 3.85 18.50
C LEU D 20 -6.05 2.42 18.53
N ASN D 21 -6.58 1.95 17.41
CA ASN D 21 -7.09 0.59 17.30
C ASN D 21 -6.86 0.12 15.87
N GLY D 22 -6.29 -1.07 15.71
CA GLY D 22 -6.02 -1.59 14.38
C GLY D 22 -7.18 -2.30 13.71
N GLY D 23 -7.07 -2.47 12.40
CA GLY D 23 -8.11 -3.12 11.63
C GLY D 23 -7.47 -3.59 10.33
N ILE D 24 -8.21 -4.31 9.49
CA ILE D 24 -7.64 -4.81 8.25
C ILE D 24 -7.65 -3.80 7.10
N GLY D 25 -8.44 -2.74 7.23
CA GLY D 25 -8.51 -1.74 6.18
C GLY D 25 -7.30 -0.83 6.10
N GLU D 26 -7.06 -0.26 4.93
CA GLU D 26 -5.94 0.66 4.74
C GLU D 26 -6.47 2.08 4.88
N LEU D 27 -5.78 2.91 5.64
CA LEU D 27 -6.20 4.29 5.83
C LEU D 27 -5.98 5.06 4.54
N VAL D 28 -7.02 5.77 4.10
CA VAL D 28 -6.96 6.54 2.86
C VAL D 28 -7.33 8.01 3.06
N CYS D 29 -6.71 8.88 2.28
CA CYS D 29 -6.99 10.31 2.34
C CYS D 29 -6.60 10.90 0.98
N CYS D 30 -7.43 11.79 0.46
CA CYS D 30 -7.18 12.42 -0.84
C CYS D 30 -6.98 11.36 -1.93
N ASN D 31 -7.79 10.33 -1.87
CA ASN D 31 -7.79 9.22 -2.82
C ASN D 31 -6.51 8.39 -2.91
N GLN D 32 -5.74 8.34 -1.84
CA GLN D 32 -4.54 7.51 -1.85
C GLN D 32 -4.22 7.02 -0.45
N ASP D 33 -3.57 5.87 -0.37
CA ASP D 33 -3.22 5.28 0.92
C ASP D 33 -2.32 6.22 1.71
N MET D 34 -2.65 6.42 2.97
CA MET D 34 -1.83 7.29 3.81
C MET D 34 -0.48 6.59 4.00
N LYS D 35 0.57 7.37 4.12
CA LYS D 35 1.92 6.83 4.26
C LYS D 35 2.32 6.59 5.71
N LEU D 36 2.84 5.39 5.98
CA LEU D 36 3.30 5.05 7.31
C LEU D 36 4.59 5.83 7.55
N MET D 37 4.62 6.61 8.63
CA MET D 37 5.80 7.39 8.94
C MET D 37 6.69 6.57 9.87
N SER D 38 7.51 5.71 9.27
CA SER D 38 8.42 4.86 10.03
C SER D 38 9.51 5.70 10.67
N GLU D 39 9.83 5.40 11.93
CA GLU D 39 10.84 6.16 12.66
C GLU D 39 12.28 5.98 12.17
N ASN D 40 13.03 7.07 12.22
CA ASN D 40 14.44 7.09 11.83
C ASN D 40 14.72 6.60 10.41
N THR D 41 13.87 6.94 9.45
CA THR D 41 14.07 6.50 8.07
C THR D 41 14.38 7.65 7.10
N VAL D 42 14.02 8.87 7.48
CA VAL D 42 14.26 10.02 6.62
C VAL D 42 15.73 10.45 6.57
N ASP D 43 16.19 10.84 5.39
CA ASP D 43 17.57 11.27 5.19
C ASP D 43 17.80 12.66 5.79
N ALA D 44 17.95 12.72 7.10
CA ALA D 44 18.18 13.98 7.80
C ALA D 44 19.22 13.78 8.90
N ALA D 45 19.66 14.87 9.51
CA ALA D 45 20.67 14.81 10.56
C ALA D 45 20.14 14.21 11.86
N LYS D 46 20.70 13.07 12.26
CA LYS D 46 20.28 12.43 13.50
C LYS D 46 20.61 13.32 14.70
N GLU D 47 21.69 14.10 14.59
CA GLU D 47 22.09 14.98 15.68
C GLU D 47 21.00 15.97 16.07
N LYS D 48 20.11 16.29 15.11
CA LYS D 48 19.05 17.25 15.38
C LYS D 48 17.65 16.65 15.50
N HIS D 49 17.48 15.39 15.14
CA HIS D 49 16.16 14.77 15.20
C HIS D 49 15.95 13.63 16.18
N VAL D 50 16.99 12.84 16.44
CA VAL D 50 16.86 11.73 17.37
C VAL D 50 16.69 12.25 18.80
N PRO D 51 15.58 11.88 19.46
CA PRO D 51 15.30 12.32 20.83
C PRO D 51 16.38 11.91 21.82
N VAL D 52 16.74 12.82 22.72
CA VAL D 52 17.74 12.55 23.74
C VAL D 52 16.98 12.42 25.06
N ILE D 53 17.07 11.24 25.66
CA ILE D 53 16.37 10.97 26.91
C ILE D 53 17.22 11.15 28.17
N GLU D 54 16.75 12.03 29.06
CA GLU D 54 17.45 12.28 30.32
C GLU D 54 16.53 11.92 31.48
N LYS D 55 16.99 11.03 32.34
CA LYS D 55 16.20 10.61 33.49
C LYS D 55 16.28 11.69 34.57
N ILE D 56 15.12 12.08 35.09
CA ILE D 56 15.06 13.09 36.14
C ILE D 56 14.23 12.48 37.26
N ASP D 57 14.15 13.15 38.41
CA ASP D 57 13.36 12.61 39.51
C ASP D 57 11.87 12.70 39.19
N GLY D 58 11.22 11.54 39.17
CA GLY D 58 9.80 11.47 38.90
C GLY D 58 9.44 11.42 37.43
N GLY D 59 10.43 11.29 36.56
CA GLY D 59 10.15 11.23 35.15
C GLY D 59 11.32 11.32 34.20
N TYR D 60 11.06 11.89 33.03
CA TYR D 60 12.08 12.03 31.99
C TYR D 60 11.97 13.37 31.27
N LYS D 61 13.11 13.86 30.82
CA LYS D 61 13.16 15.10 30.06
C LYS D 61 13.64 14.67 28.69
N VAL D 62 12.93 15.08 27.64
CA VAL D 62 13.31 14.71 26.29
C VAL D 62 13.70 15.95 25.51
N LYS D 63 14.85 15.87 24.84
CA LYS D 63 15.37 16.98 24.05
C LYS D 63 15.54 16.51 22.62
N VAL D 64 15.27 17.40 21.67
CA VAL D 64 15.39 17.07 20.26
C VAL D 64 16.29 18.07 19.53
N GLY D 65 17.56 17.72 19.33
CA GLY D 65 18.11 16.44 19.74
C GLY D 65 19.41 16.71 20.47
N ALA D 66 20.49 16.04 20.07
CA ALA D 66 21.80 16.25 20.69
C ALA D 66 22.13 17.72 20.46
N VAL D 67 21.71 18.22 19.30
CA VAL D 67 21.87 19.61 18.93
C VAL D 67 20.43 20.09 18.83
N ALA D 68 20.10 21.19 19.50
CA ALA D 68 18.73 21.70 19.46
C ALA D 68 18.22 21.88 18.04
N HIS D 69 17.08 21.26 17.75
CA HIS D 69 16.45 21.34 16.44
C HIS D 69 15.75 22.69 16.29
N PRO D 70 15.70 23.22 15.06
CA PRO D 70 15.04 24.51 14.86
C PRO D 70 13.56 24.47 15.28
N MET D 71 13.03 25.63 15.62
CA MET D 71 11.63 25.74 16.00
C MET D 71 11.10 26.97 15.28
N GLU D 72 11.22 26.93 13.95
CA GLU D 72 10.78 28.01 13.08
C GLU D 72 9.35 27.75 12.60
N GLU D 73 8.73 28.78 12.04
CA GLU D 73 7.38 28.68 11.52
C GLU D 73 7.26 27.57 10.48
N LYS D 74 8.24 27.51 9.58
CA LYS D 74 8.24 26.52 8.51
C LYS D 74 9.05 25.25 8.78
N HIS D 75 9.71 25.19 9.94
CA HIS D 75 10.51 24.04 10.29
C HIS D 75 10.63 23.90 11.80
N TYR D 76 9.87 22.98 12.38
CA TYR D 76 9.91 22.78 13.82
C TYR D 76 9.44 21.39 14.21
N ILE D 77 9.71 21.03 15.47
CA ILE D 77 9.29 19.74 16.01
C ILE D 77 7.85 19.96 16.44
N GLN D 78 6.93 19.25 15.80
CA GLN D 78 5.51 19.40 16.11
C GLN D 78 5.07 18.79 17.43
N TRP D 79 5.72 17.71 17.84
CA TRP D 79 5.38 17.09 19.11
C TRP D 79 6.45 16.12 19.55
N ILE D 80 6.46 15.84 20.85
CA ILE D 80 7.38 14.89 21.45
C ILE D 80 6.46 13.92 22.20
N GLU D 81 6.70 12.63 22.05
CA GLU D 81 5.87 11.62 22.68
C GLU D 81 6.70 10.65 23.50
N LEU D 82 6.17 10.25 24.65
CA LEU D 82 6.86 9.29 25.51
C LEU D 82 6.00 8.05 25.63
N LEU D 83 6.57 6.91 25.26
CA LEU D 83 5.85 5.65 25.33
C LEU D 83 6.43 4.84 26.49
N ALA D 84 5.55 4.32 27.35
CA ALA D 84 5.98 3.53 28.49
C ALA D 84 4.87 2.54 28.85
N ASP D 85 5.13 1.26 28.61
CA ASP D 85 4.14 0.24 28.91
C ASP D 85 2.88 0.53 28.10
N ASP D 86 1.74 0.70 28.77
CA ASP D 86 0.51 1.00 28.06
C ASP D 86 0.19 2.49 28.08
N LYS D 87 1.22 3.30 28.26
CA LYS D 87 1.06 4.75 28.31
C LYS D 87 1.67 5.42 27.08
N CYS D 88 0.98 6.46 26.60
N CYS D 88 0.98 6.45 26.59
CA CYS D 88 1.42 7.22 25.44
CA CYS D 88 1.45 7.22 25.46
C CYS D 88 1.16 8.68 25.74
C CYS D 88 1.16 8.69 25.73
N TYR D 89 2.19 9.38 26.21
CA TYR D 89 2.08 10.80 26.54
C TYR D 89 2.63 11.67 25.44
N THR D 90 1.81 12.61 24.98
CA THR D 90 2.22 13.52 23.92
C THR D 90 2.23 14.97 24.36
N GLN D 91 3.28 15.67 23.92
CA GLN D 91 3.44 17.09 24.21
C GLN D 91 3.54 17.80 22.87
N PHE D 92 2.53 18.57 22.52
CA PHE D 92 2.55 19.32 21.27
C PHE D 92 3.35 20.59 21.49
N LEU D 93 4.11 20.99 20.49
CA LEU D 93 4.94 22.19 20.58
C LEU D 93 4.56 23.23 19.54
N LYS D 94 5.10 24.43 19.68
CA LYS D 94 4.84 25.52 18.74
C LYS D 94 6.15 26.19 18.36
N PRO D 95 6.18 26.86 17.19
CA PRO D 95 7.41 27.53 16.78
C PRO D 95 7.75 28.56 17.84
N GLY D 96 9.02 28.71 18.17
CA GLY D 96 9.41 29.67 19.19
C GLY D 96 9.68 29.03 20.53
N GLN D 97 9.16 27.83 20.74
CA GLN D 97 9.39 27.12 22.00
C GLN D 97 10.65 26.28 21.89
N ALA D 98 11.17 25.83 23.02
CA ALA D 98 12.36 24.99 23.03
C ALA D 98 11.94 23.59 22.58
N PRO D 99 12.80 22.91 21.80
CA PRO D 99 12.49 21.56 21.32
C PRO D 99 12.72 20.52 22.43
N GLU D 100 11.91 20.61 23.48
CA GLU D 100 12.02 19.70 24.61
C GLU D 100 10.70 19.51 25.32
N ALA D 101 10.62 18.46 26.12
CA ALA D 101 9.42 18.16 26.88
C ALA D 101 9.77 17.39 28.14
N VAL D 102 8.96 17.56 29.18
CA VAL D 102 9.16 16.87 30.44
C VAL D 102 7.94 16.00 30.74
N PHE D 103 8.20 14.75 31.10
CA PHE D 103 7.13 13.81 31.41
C PHE D 103 7.27 13.22 32.79
N LEU D 104 6.28 13.45 33.65
CA LEU D 104 6.30 12.88 35.00
C LEU D 104 5.67 11.51 34.85
N ILE D 105 6.47 10.47 35.02
CA ILE D 105 5.98 9.12 34.86
C ILE D 105 6.83 8.10 35.62
N GLU D 106 6.19 7.03 36.06
CA GLU D 106 6.89 5.97 36.77
C GLU D 106 7.09 4.84 35.77
N ALA D 107 8.27 4.81 35.16
CA ALA D 107 8.59 3.79 34.16
C ALA D 107 10.10 3.72 34.04
N ALA D 108 10.64 2.50 34.11
CA ALA D 108 12.08 2.30 34.00
C ALA D 108 12.51 2.31 32.54
N LYS D 109 11.72 1.68 31.69
CA LYS D 109 12.01 1.62 30.26
C LYS D 109 11.02 2.45 29.46
N VAL D 110 11.53 3.39 28.68
CA VAL D 110 10.67 4.26 27.88
C VAL D 110 11.21 4.48 26.47
N VAL D 111 10.31 4.87 25.58
CA VAL D 111 10.64 5.15 24.19
C VAL D 111 10.16 6.57 23.93
N ALA D 112 11.05 7.41 23.42
CA ALA D 112 10.69 8.79 23.13
C ALA D 112 10.63 8.95 21.62
N ARG D 113 9.62 9.66 21.14
CA ARG D 113 9.47 9.90 19.71
C ARG D 113 9.28 11.39 19.45
N ALA D 114 9.71 11.85 18.29
CA ALA D 114 9.56 13.24 17.93
C ALA D 114 9.21 13.31 16.45
N TYR D 115 8.49 14.36 16.06
CA TYR D 115 8.12 14.51 14.67
C TYR D 115 8.43 15.91 14.17
N CYS D 116 9.23 15.97 13.11
CA CYS D 116 9.61 17.23 12.48
C CYS D 116 8.71 17.39 11.26
N ASN D 117 8.08 18.55 11.11
CA ASN D 117 7.18 18.77 9.98
C ASN D 117 7.87 18.54 8.63
N ILE D 118 9.18 18.72 8.59
CA ILE D 118 9.93 18.53 7.35
C ILE D 118 10.64 17.18 7.28
N HIS D 119 11.31 16.79 8.37
CA HIS D 119 12.07 15.56 8.38
C HIS D 119 11.46 14.29 8.95
N GLY D 120 10.16 14.30 9.23
CA GLY D 120 9.52 13.10 9.71
C GLY D 120 9.59 12.66 11.15
N HIS D 121 9.37 11.36 11.31
CA HIS D 121 9.29 10.65 12.60
C HIS D 121 10.62 10.08 13.10
N TRP D 122 10.92 10.32 14.38
CA TRP D 122 12.16 9.84 14.99
C TRP D 122 11.94 9.26 16.38
N LYS D 123 12.79 8.33 16.79
CA LYS D 123 12.65 7.72 18.10
C LYS D 123 13.97 7.30 18.72
N ALA D 124 13.94 7.18 20.05
CA ALA D 124 15.09 6.77 20.83
C ALA D 124 14.53 6.04 22.04
N GLU D 125 15.35 5.22 22.68
CA GLU D 125 14.89 4.49 23.86
C GLU D 125 16.02 4.38 24.87
N ASN D 126 15.66 4.14 26.12
CA ASN D 126 16.65 4.00 27.19
C ASN D 126 16.73 2.55 27.63
FE FE E . 14.37 -20.68 -32.11
N NO3 F . 24.85 -0.05 -21.51
O1 NO3 F . 24.84 1.03 -22.07
O2 NO3 F . 25.82 -0.38 -20.86
O3 NO3 F . 23.88 -0.79 -21.59
FE FE2 G . 21.94 -2.69 -22.31
FE FE H . 4.51 -29.55 -23.09
N NO3 I . -19.45 -21.81 -21.45
O1 NO3 I . -18.31 -21.39 -21.36
O2 NO3 I . -20.16 -21.83 -20.46
O3 NO3 I . -19.88 -22.20 -22.52
CA CA J . 2.10 -9.90 -20.99
FE FE2 K . -15.60 -21.36 -21.48
FE FE L . -11.70 0.13 7.40
N NO3 M . -22.74 -0.38 30.19
O1 NO3 M . -21.82 0.13 29.58
O2 NO3 M . -22.56 -1.38 30.84
O3 NO3 M . -23.86 0.13 30.15
CA CA N . -2.32 10.15 21.64
CA CA O . -17.72 12.10 2.25
CA CA P . -17.52 13.85 5.77
FE FE2 Q . -19.90 0.67 27.52
FE FE R . -5.46 14.07 2.43
N NO3 S . 17.64 20.36 10.91
O1 NO3 S . 17.84 21.53 11.17
O2 NO3 S . 18.55 19.68 10.45
O3 NO3 S . 16.55 19.87 11.10
FE FE2 T . 14.02 18.92 10.89
#